data_8D5F
#
_entry.id   8D5F
#
_cell.length_a   52.300
_cell.length_b   68.860
_cell.length_c   109.440
_cell.angle_alpha   90.000
_cell.angle_beta   90.000
_cell.angle_gamma   90.000
#
_symmetry.space_group_name_H-M   'P 21 21 21'
#
loop_
_entity.id
_entity.type
_entity.pdbx_description
1 polymer 'H-2 class I histocompatibility antigen, D-D alpha chain'
2 polymer Beta-2-microglobulin
3 polymer 'Transcription initiation factor IIB'
4 non-polymer GLYCEROL
5 water water
#
loop_
_entity_poly.entity_id
_entity_poly.type
_entity_poly.pdbx_seq_one_letter_code
_entity_poly.pdbx_strand_id
1 'polypeptide(L)'
;SHSLRYFVTAVSRPGFGEPRYMEVGYVDNTEFVRFDSDAENPRYEPRARWIEQEGPEYWERETRRAKGNEQSFRVDLRTA
LRYYNQSAGGSHTLQWMAGCDVESDGRLLRGYWQFAYDGCDYIALNEDLKTWTAADMAAQITRRKWEQAGAAERDRAYLE
GECVEWLRRYLKNGNATLLRTDPPKAHVTHHRRPEGDVTLRCWALGFYPADITLTWQLNGEELTQEMELVETRPAGDGTF
QKWASVVVPLGKEQKYTCHVEHEGLPEPLTLRWG
;
A
2 'polypeptide(L)'
;MIQKTPQIQVYSRHPPENGKPNILNCYVTQFHPPHIEIQMLKNGKKIPKVEMSDMSFSKDWSFYILAHTEFTPTETDTYA
CRVKHASMAEPKTVYWDRDM
;
B
3 'polypeptide(L)' TGAARFDEF P
#
loop_
_chem_comp.id
_chem_comp.type
_chem_comp.name
_chem_comp.formula
GOL non-polymer GLYCEROL 'C3 H8 O3'
#
# COMPACT_ATOMS: atom_id res chain seq x y z
N SER A 1 5.24 12.46 -10.99
CA SER A 1 3.94 11.99 -11.51
C SER A 1 2.95 11.77 -10.34
N HIS A 2 1.63 11.70 -10.65
CA HIS A 2 0.54 11.52 -9.70
C HIS A 2 -0.34 10.40 -10.24
N SER A 3 -1.03 9.71 -9.34
CA SER A 3 -1.83 8.56 -9.72
C SER A 3 -3.20 8.68 -9.04
N LEU A 4 -4.22 8.16 -9.72
CA LEU A 4 -5.53 7.89 -9.17
C LEU A 4 -5.79 6.41 -9.40
N ARG A 5 -6.01 5.66 -8.32
CA ARG A 5 -6.16 4.22 -8.32
C ARG A 5 -7.28 3.80 -7.38
N TYR A 6 -8.04 2.80 -7.83
CA TYR A 6 -9.17 2.23 -7.09
C TYR A 6 -8.87 0.75 -6.92
N PHE A 7 -8.69 0.32 -5.65
CA PHE A 7 -8.35 -1.03 -5.24
C PHE A 7 -9.60 -1.71 -4.73
N VAL A 8 -10.14 -2.68 -5.49
CA VAL A 8 -11.43 -3.30 -5.23
C VAL A 8 -11.14 -4.74 -4.83
N THR A 9 -11.88 -5.19 -3.82
CA THR A 9 -11.74 -6.52 -3.22
C THR A 9 -13.13 -7.08 -2.94
N ALA A 10 -13.40 -8.28 -3.43
CA ALA A 10 -14.56 -9.05 -3.03
C ALA A 10 -14.08 -10.38 -2.46
N VAL A 11 -14.49 -10.72 -1.23
CA VAL A 11 -14.16 -11.96 -0.55
C VAL A 11 -15.48 -12.70 -0.26
N SER A 12 -15.64 -13.92 -0.82
CA SER A 12 -16.78 -14.77 -0.50
C SER A 12 -16.60 -15.50 0.84
N ARG A 13 -17.74 -15.67 1.52
CA ARG A 13 -17.74 -16.29 2.82
C ARG A 13 -19.04 -17.07 2.83
N PRO A 14 -19.09 -18.25 2.19
CA PRO A 14 -20.32 -19.02 2.01
C PRO A 14 -20.91 -19.46 3.36
N GLY A 15 -22.18 -19.10 3.58
CA GLY A 15 -22.91 -19.47 4.78
C GLY A 15 -23.00 -18.32 5.77
N PHE A 16 -22.22 -17.27 5.51
CA PHE A 16 -22.21 -16.03 6.29
C PHE A 16 -22.67 -14.86 5.40
N GLY A 17 -23.60 -15.16 4.49
CA GLY A 17 -24.20 -14.15 3.63
C GLY A 17 -23.41 -13.92 2.34
N GLU A 18 -23.58 -12.71 1.81
CA GLU A 18 -23.00 -12.28 0.56
C GLU A 18 -21.52 -11.89 0.69
N PRO A 19 -20.73 -11.99 -0.40
CA PRO A 19 -19.33 -11.57 -0.35
C PRO A 19 -19.18 -10.17 0.26
N ARG A 20 -18.15 -10.04 1.09
CA ARG A 20 -17.66 -8.75 1.55
C ARG A 20 -17.10 -8.03 0.32
N TYR A 21 -17.58 -6.80 0.10
CA TYR A 21 -17.20 -5.98 -1.03
C TYR A 21 -16.68 -4.64 -0.53
N MET A 22 -15.47 -4.31 -1.00
CA MET A 22 -14.75 -3.11 -0.62
C MET A 22 -14.18 -2.43 -1.85
N GLU A 23 -14.26 -1.09 -1.87
CA GLU A 23 -13.52 -0.25 -2.78
C GLU A 23 -12.73 0.76 -1.95
N VAL A 24 -11.46 1.02 -2.34
CA VAL A 24 -10.64 2.05 -1.72
C VAL A 24 -9.99 2.84 -2.83
N GLY A 25 -10.22 4.16 -2.80
CA GLY A 25 -9.63 5.15 -3.67
C GLY A 25 -8.42 5.86 -3.04
N TYR A 26 -7.35 5.98 -3.83
CA TYR A 26 -6.07 6.59 -3.48
C TYR A 26 -5.71 7.62 -4.55
N VAL A 27 -5.38 8.85 -4.10
CA VAL A 27 -4.53 9.73 -4.92
C VAL A 27 -3.08 9.58 -4.50
N ASP A 28 -2.18 9.23 -5.40
CA ASP A 28 -0.79 9.07 -5.04
C ASP A 28 -0.66 8.26 -3.75
N ASN A 29 -1.23 7.06 -3.68
CA ASN A 29 -0.98 6.17 -2.54
C ASN A 29 -1.27 6.81 -1.18
N THR A 30 -2.20 7.78 -1.12
CA THR A 30 -2.91 8.16 0.10
C THR A 30 -4.44 8.05 -0.10
N GLU A 31 -5.13 7.46 0.89
CA GLU A 31 -6.52 7.06 0.75
C GLU A 31 -7.44 8.27 0.85
N PHE A 32 -8.49 8.30 0.02
CA PHE A 32 -9.37 9.46 0.05
C PHE A 32 -10.86 9.12 0.03
N VAL A 33 -11.20 7.87 -0.32
CA VAL A 33 -12.59 7.43 -0.37
C VAL A 33 -12.63 5.94 -0.08
N ARG A 34 -13.75 5.43 0.49
CA ARG A 34 -13.86 3.99 0.64
C ARG A 34 -15.34 3.65 0.58
N PHE A 35 -15.63 2.39 0.26
CA PHE A 35 -16.97 1.82 0.33
C PHE A 35 -16.76 0.41 0.85
N ASP A 36 -17.52 0.10 1.90
CA ASP A 36 -17.51 -1.22 2.50
C ASP A 36 -18.96 -1.69 2.67
N SER A 37 -19.28 -2.87 2.11
CA SER A 37 -20.62 -3.44 2.15
C SER A 37 -20.95 -3.88 3.57
N ASP A 38 -19.96 -3.90 4.45
CA ASP A 38 -20.20 -4.28 5.85
C ASP A 38 -20.45 -3.08 6.77
N ALA A 39 -20.25 -1.85 6.26
CA ALA A 39 -20.63 -0.60 6.96
C ALA A 39 -22.11 -0.66 7.32
N GLU A 40 -22.48 0.01 8.41
CA GLU A 40 -23.87 0.05 8.83
C GLU A 40 -24.69 0.74 7.74
N ASN A 41 -24.09 1.80 7.16
CA ASN A 41 -24.71 2.48 6.03
C ASN A 41 -23.83 2.35 4.79
N PRO A 42 -23.95 1.28 3.96
CA PRO A 42 -22.94 1.02 2.93
C PRO A 42 -23.09 2.09 1.84
N ARG A 43 -22.08 2.95 1.77
CA ARG A 43 -22.10 4.19 1.01
C ARG A 43 -20.64 4.59 0.72
N TYR A 44 -20.39 5.27 -0.40
CA TYR A 44 -19.05 5.83 -0.59
C TYR A 44 -18.82 6.89 0.47
N GLU A 45 -17.67 6.84 1.15
CA GLU A 45 -17.37 7.78 2.23
C GLU A 45 -16.03 8.50 2.02
N PRO A 46 -15.98 9.81 2.38
CA PRO A 46 -14.72 10.56 2.48
C PRO A 46 -13.70 10.02 3.48
N ARG A 47 -12.40 10.03 3.15
CA ARG A 47 -11.30 9.63 4.03
C ARG A 47 -10.17 10.67 4.01
N ALA A 48 -10.50 11.89 3.58
CA ALA A 48 -9.61 13.03 3.61
C ALA A 48 -10.50 14.26 3.57
N ARG A 49 -10.05 15.33 4.22
CA ARG A 49 -10.94 16.49 4.31
C ARG A 49 -11.22 17.07 2.92
N TRP A 50 -10.20 16.97 2.04
CA TRP A 50 -10.27 17.69 0.78
C TRP A 50 -11.30 17.10 -0.19
N ILE A 51 -11.81 15.88 0.06
CA ILE A 51 -12.79 15.36 -0.89
C ILE A 51 -14.20 15.70 -0.43
N GLU A 52 -14.36 16.13 0.84
CA GLU A 52 -15.70 16.47 1.36
C GLU A 52 -16.44 17.54 0.55
N GLN A 53 -15.69 18.49 -0.03
CA GLN A 53 -16.24 19.60 -0.79
C GLN A 53 -17.20 19.13 -1.85
N GLU A 54 -17.03 17.89 -2.33
CA GLU A 54 -17.81 17.39 -3.46
C GLU A 54 -19.29 17.38 -3.11
N GLY A 55 -20.13 17.53 -4.15
CA GLY A 55 -21.57 17.67 -3.96
C GLY A 55 -22.29 16.38 -3.57
N PRO A 56 -23.52 16.47 -3.02
CA PRO A 56 -24.33 15.26 -2.86
C PRO A 56 -24.34 14.40 -4.12
N GLU A 57 -24.29 15.04 -5.31
CA GLU A 57 -24.44 14.40 -6.62
C GLU A 57 -23.31 13.39 -6.84
N TYR A 58 -22.14 13.78 -6.32
CA TYR A 58 -20.90 13.03 -6.33
C TYR A 58 -21.05 11.74 -5.50
N TRP A 59 -21.47 11.87 -4.23
CA TRP A 59 -21.55 10.72 -3.34
C TRP A 59 -22.59 9.70 -3.80
N GLU A 60 -23.73 10.19 -4.29
CA GLU A 60 -24.80 9.31 -4.74
C GLU A 60 -24.40 8.61 -6.04
N ARG A 61 -23.74 9.33 -6.95
CA ARG A 61 -23.18 8.73 -8.16
C ARG A 61 -22.20 7.60 -7.83
N GLU A 62 -21.17 7.86 -6.99
CA GLU A 62 -20.17 6.89 -6.53
C GLU A 62 -20.78 5.69 -5.76
N THR A 63 -21.65 5.96 -4.78
CA THR A 63 -22.40 4.92 -4.13
C THR A 63 -23.07 3.99 -5.14
N ARG A 64 -23.84 4.53 -6.10
CA ARG A 64 -24.50 3.63 -7.06
C ARG A 64 -23.52 2.85 -7.93
N ARG A 65 -22.39 3.45 -8.33
CA ARG A 65 -21.37 2.75 -9.10
C ARG A 65 -20.80 1.58 -8.30
N ALA A 66 -20.48 1.80 -7.03
CA ALA A 66 -20.01 0.77 -6.14
C ALA A 66 -21.06 -0.34 -6.04
N LYS A 67 -22.32 0.01 -5.78
CA LYS A 67 -23.38 -1.00 -5.66
C LYS A 67 -23.47 -1.90 -6.90
N GLY A 68 -23.44 -1.26 -8.09
CA GLY A 68 -23.45 -1.91 -9.40
C GLY A 68 -22.25 -2.86 -9.47
N ASN A 69 -21.09 -2.38 -8.98
CA ASN A 69 -19.85 -3.13 -9.02
C ASN A 69 -19.99 -4.37 -8.13
N GLU A 70 -20.57 -4.17 -6.94
CA GLU A 70 -20.71 -5.24 -5.99
C GLU A 70 -21.46 -6.37 -6.69
N GLN A 71 -22.58 -6.06 -7.36
CA GLN A 71 -23.32 -7.05 -8.15
C GLN A 71 -22.41 -7.77 -9.14
N SER A 72 -21.61 -7.03 -9.94
CA SER A 72 -20.83 -7.66 -11.00
C SER A 72 -19.85 -8.67 -10.40
N PHE A 73 -19.22 -8.28 -9.27
CA PHE A 73 -18.27 -9.09 -8.51
C PHE A 73 -18.88 -10.36 -7.94
N ARG A 74 -20.12 -10.30 -7.45
CA ARG A 74 -20.88 -11.48 -7.04
C ARG A 74 -21.03 -12.46 -8.19
N VAL A 75 -21.32 -11.95 -9.40
CA VAL A 75 -21.56 -12.82 -10.55
C VAL A 75 -20.22 -13.43 -10.97
N ASP A 76 -19.18 -12.62 -10.99
CA ASP A 76 -17.85 -13.06 -11.39
C ASP A 76 -17.28 -14.11 -10.44
N LEU A 77 -17.56 -14.03 -9.11
CA LEU A 77 -17.09 -15.01 -8.12
C LEU A 77 -17.75 -16.35 -8.42
N ARG A 78 -19.05 -16.33 -8.76
CA ARG A 78 -19.78 -17.52 -9.21
C ARG A 78 -19.25 -18.07 -10.54
N THR A 79 -18.99 -17.18 -11.53
CA THR A 79 -18.37 -17.67 -12.78
C THR A 79 -17.04 -18.39 -12.51
N ALA A 80 -16.22 -17.86 -11.60
CA ALA A 80 -14.90 -18.43 -11.32
C ALA A 80 -15.00 -19.83 -10.73
N LEU A 81 -15.95 -20.11 -9.84
CA LEU A 81 -16.04 -21.47 -9.33
C LEU A 81 -16.26 -22.43 -10.49
N ARG A 82 -17.04 -22.02 -11.51
CA ARG A 82 -17.30 -22.84 -12.67
C ARG A 82 -16.03 -23.04 -13.50
N TYR A 83 -15.33 -21.93 -13.83
CA TYR A 83 -14.16 -21.99 -14.71
C TYR A 83 -13.06 -22.86 -14.11
N TYR A 84 -12.89 -22.78 -12.77
CA TYR A 84 -11.86 -23.51 -12.05
C TYR A 84 -12.41 -24.78 -11.41
N ASN A 85 -13.68 -25.10 -11.69
CA ASN A 85 -14.30 -26.33 -11.18
C ASN A 85 -14.18 -26.42 -9.65
N GLN A 86 -14.55 -25.36 -8.92
CA GLN A 86 -14.38 -25.35 -7.48
C GLN A 86 -15.75 -25.43 -6.79
N SER A 87 -15.73 -25.99 -5.59
CA SER A 87 -16.84 -26.02 -4.64
C SER A 87 -17.32 -24.61 -4.26
N ALA A 88 -18.67 -24.50 -4.18
CA ALA A 88 -19.40 -23.31 -3.74
C ALA A 88 -19.30 -23.16 -2.23
N GLY A 89 -18.61 -24.11 -1.57
CA GLY A 89 -18.37 -24.05 -0.14
C GLY A 89 -17.16 -23.21 0.31
N GLY A 90 -16.16 -22.96 -0.55
CA GLY A 90 -14.95 -22.32 -0.03
C GLY A 90 -14.98 -20.80 -0.18
N SER A 91 -14.16 -20.08 0.62
CA SER A 91 -13.94 -18.64 0.48
C SER A 91 -12.92 -18.38 -0.63
N HIS A 92 -13.26 -17.48 -1.54
CA HIS A 92 -12.40 -17.01 -2.60
C HIS A 92 -12.42 -15.48 -2.65
N THR A 93 -11.41 -14.93 -3.36
CA THR A 93 -11.15 -13.50 -3.50
C THR A 93 -11.00 -13.17 -4.99
N LEU A 94 -11.69 -12.10 -5.41
CA LEU A 94 -11.38 -11.36 -6.61
C LEU A 94 -10.87 -9.98 -6.21
N GLN A 95 -9.82 -9.52 -6.91
CA GLN A 95 -9.26 -8.20 -6.71
C GLN A 95 -9.18 -7.53 -8.06
N TRP A 96 -9.40 -6.22 -8.06
CA TRP A 96 -9.38 -5.45 -9.28
C TRP A 96 -8.66 -4.15 -8.95
N MET A 97 -7.66 -3.78 -9.74
CA MET A 97 -7.15 -2.43 -9.59
C MET A 97 -7.27 -1.73 -10.94
N ALA A 98 -7.79 -0.49 -10.92
CA ALA A 98 -7.96 0.36 -12.09
C ALA A 98 -7.50 1.78 -11.75
N GLY A 99 -6.93 2.51 -12.72
CA GLY A 99 -6.56 3.90 -12.49
C GLY A 99 -5.50 4.37 -13.48
N CYS A 100 -4.99 5.60 -13.26
CA CYS A 100 -4.16 6.37 -14.17
C CYS A 100 -3.00 7.04 -13.41
N ASP A 101 -1.81 7.04 -14.04
CA ASP A 101 -0.61 7.79 -13.69
C ASP A 101 -0.45 8.92 -14.70
N VAL A 102 -0.28 10.17 -14.21
CA VAL A 102 -0.28 11.37 -15.02
C VAL A 102 0.99 12.15 -14.79
N GLU A 103 1.57 12.73 -15.85
CA GLU A 103 2.81 13.48 -15.72
C GLU A 103 2.47 14.83 -15.08
N SER A 104 3.47 15.55 -14.55
CA SER A 104 3.30 16.88 -13.97
C SER A 104 2.59 17.86 -14.91
N ASP A 105 2.72 17.65 -16.22
CA ASP A 105 2.02 18.46 -17.20
C ASP A 105 0.58 17.99 -17.38
N GLY A 106 0.24 16.81 -16.88
CA GLY A 106 -1.13 16.32 -16.91
C GLY A 106 -1.46 15.37 -18.07
N ARG A 107 -0.45 14.90 -18.82
CA ARG A 107 -0.67 13.87 -19.83
C ARG A 107 -0.47 12.47 -19.23
N LEU A 108 -1.41 11.57 -19.56
CA LEU A 108 -1.44 10.21 -19.05
C LEU A 108 -0.11 9.49 -19.30
N LEU A 109 0.48 8.84 -18.27
CA LEU A 109 1.67 8.00 -18.44
C LEU A 109 1.31 6.52 -18.60
N ARG A 110 0.33 6.03 -17.82
CA ARG A 110 0.05 4.61 -17.78
C ARG A 110 -1.37 4.41 -17.22
N GLY A 111 -2.23 3.68 -17.94
CA GLY A 111 -3.52 3.24 -17.40
C GLY A 111 -3.42 1.80 -16.93
N TYR A 112 -4.29 1.39 -15.98
CA TYR A 112 -4.34 0.04 -15.44
C TYR A 112 -5.80 -0.43 -15.35
N TRP A 113 -6.09 -1.68 -15.69
CA TRP A 113 -7.38 -2.33 -15.47
C TRP A 113 -7.01 -3.79 -15.35
N GLN A 114 -6.97 -4.32 -14.13
CA GLN A 114 -6.40 -5.65 -13.93
C GLN A 114 -7.05 -6.37 -12.76
N PHE A 115 -7.02 -7.70 -12.79
CA PHE A 115 -7.75 -8.55 -11.90
C PHE A 115 -6.89 -9.73 -11.50
N ALA A 116 -7.15 -10.20 -10.27
CA ALA A 116 -6.51 -11.39 -9.71
C ALA A 116 -7.58 -12.20 -8.98
N TYR A 117 -7.47 -13.51 -9.08
CA TYR A 117 -8.39 -14.40 -8.42
C TYR A 117 -7.55 -15.23 -7.45
N ASP A 118 -7.96 -15.29 -6.17
CA ASP A 118 -7.22 -16.01 -5.15
C ASP A 118 -5.76 -15.55 -5.09
N GLY A 119 -5.51 -14.23 -5.24
CA GLY A 119 -4.14 -13.72 -5.14
C GLY A 119 -3.25 -14.00 -6.35
N CYS A 120 -3.78 -14.63 -7.42
CA CYS A 120 -3.00 -14.91 -8.61
C CYS A 120 -3.57 -14.08 -9.77
N ASP A 121 -2.67 -13.63 -10.66
CA ASP A 121 -3.06 -12.93 -11.88
C ASP A 121 -4.17 -13.67 -12.61
N TYR A 122 -5.20 -12.90 -13.00
CA TYR A 122 -6.30 -13.40 -13.82
C TYR A 122 -6.22 -12.79 -15.22
N ILE A 123 -6.61 -11.51 -15.40
CA ILE A 123 -6.51 -10.83 -16.68
C ILE A 123 -6.20 -9.37 -16.38
N ALA A 124 -5.45 -8.74 -17.30
CA ALA A 124 -4.79 -7.44 -17.16
C ALA A 124 -4.69 -6.80 -18.53
N LEU A 125 -5.03 -5.51 -18.56
CA LEU A 125 -5.01 -4.71 -19.76
C LEU A 125 -3.56 -4.26 -19.93
N ASN A 126 -2.94 -4.53 -21.08
CA ASN A 126 -1.57 -4.11 -21.36
C ASN A 126 -1.47 -2.57 -21.43
N GLU A 127 -0.23 -2.08 -21.47
CA GLU A 127 0.05 -0.65 -21.47
C GLU A 127 -0.44 0.01 -22.75
N ASP A 128 -0.54 -0.75 -23.85
CA ASP A 128 -1.14 -0.24 -25.05
C ASP A 128 -2.63 0.10 -24.88
N LEU A 129 -3.22 -0.31 -23.74
CA LEU A 129 -4.63 -0.15 -23.40
C LEU A 129 -5.55 -0.72 -24.47
N LYS A 130 -5.08 -1.68 -25.26
CA LYS A 130 -5.87 -2.34 -26.30
C LYS A 130 -5.91 -3.86 -26.05
N THR A 131 -4.93 -4.43 -25.31
CA THR A 131 -4.61 -5.84 -25.36
C THR A 131 -4.66 -6.45 -23.96
N TRP A 132 -5.22 -7.65 -23.84
CA TRP A 132 -5.39 -8.36 -22.57
C TRP A 132 -4.33 -9.44 -22.45
N THR A 133 -3.78 -9.54 -21.26
CA THR A 133 -2.99 -10.69 -20.87
C THR A 133 -3.83 -11.57 -19.93
N ALA A 134 -4.17 -12.77 -20.40
CA ALA A 134 -4.93 -13.78 -19.67
C ALA A 134 -3.98 -14.89 -19.19
N ALA A 135 -3.73 -15.00 -17.87
CA ALA A 135 -2.70 -15.83 -17.22
C ALA A 135 -2.96 -17.32 -17.39
N ASP A 136 -4.22 -17.74 -17.63
CA ASP A 136 -4.56 -19.16 -17.67
C ASP A 136 -5.76 -19.35 -18.58
N MET A 137 -6.11 -20.63 -18.76
CA MET A 137 -7.18 -21.13 -19.61
C MET A 137 -8.52 -20.55 -19.14
N ALA A 138 -8.69 -20.40 -17.81
CA ALA A 138 -9.91 -19.77 -17.34
C ALA A 138 -9.99 -18.35 -17.91
N ALA A 139 -8.87 -17.62 -17.85
CA ALA A 139 -8.91 -16.21 -18.18
C ALA A 139 -9.00 -16.06 -19.69
N GLN A 140 -8.54 -17.09 -20.47
CA GLN A 140 -8.71 -16.99 -21.91
C GLN A 140 -10.18 -16.91 -22.26
N ILE A 141 -11.02 -17.64 -21.51
CA ILE A 141 -12.46 -17.60 -21.75
C ILE A 141 -12.90 -16.13 -21.62
N THR A 142 -12.53 -15.48 -20.50
CA THR A 142 -12.89 -14.08 -20.34
C THR A 142 -12.32 -13.21 -21.46
N ARG A 143 -11.07 -13.45 -21.87
CA ARG A 143 -10.41 -12.58 -22.82
C ARG A 143 -11.17 -12.66 -24.16
N ARG A 144 -11.72 -13.83 -24.50
CA ARG A 144 -12.41 -13.98 -25.77
C ARG A 144 -13.66 -13.11 -25.73
N LYS A 145 -14.37 -13.18 -24.62
CA LYS A 145 -15.58 -12.40 -24.48
C LYS A 145 -15.27 -10.91 -24.54
N TRP A 146 -14.19 -10.48 -23.85
CA TRP A 146 -13.91 -9.04 -23.80
C TRP A 146 -13.43 -8.51 -25.15
N GLU A 147 -12.69 -9.35 -25.89
CA GLU A 147 -12.29 -8.89 -27.22
C GLU A 147 -13.53 -8.70 -28.10
N GLN A 148 -14.42 -9.68 -28.09
CA GLN A 148 -15.65 -9.52 -28.85
C GLN A 148 -16.50 -8.32 -28.37
N ALA A 149 -16.47 -8.00 -27.08
CA ALA A 149 -17.35 -6.98 -26.53
C ALA A 149 -16.81 -5.56 -26.72
N GLY A 150 -15.54 -5.40 -27.12
CA GLY A 150 -14.94 -4.07 -27.19
C GLY A 150 -14.67 -3.55 -25.79
N ALA A 151 -14.50 -4.45 -24.83
CA ALA A 151 -14.20 -4.04 -23.46
C ALA A 151 -12.99 -3.09 -23.35
N ALA A 152 -11.84 -3.44 -23.96
CA ALA A 152 -10.64 -2.62 -23.89
C ALA A 152 -10.89 -1.15 -24.29
N GLU A 153 -11.65 -0.98 -25.38
CA GLU A 153 -11.96 0.34 -25.93
C GLU A 153 -12.71 1.20 -24.89
N ARG A 154 -13.72 0.62 -24.21
CA ARG A 154 -14.47 1.28 -23.13
C ARG A 154 -13.61 1.57 -21.91
N ASP A 155 -12.83 0.59 -21.43
CA ASP A 155 -11.91 0.79 -20.33
C ASP A 155 -10.89 1.90 -20.63
N ARG A 156 -10.38 1.94 -21.86
CA ARG A 156 -9.41 2.96 -22.26
C ARG A 156 -10.02 4.35 -22.20
N ALA A 157 -11.30 4.49 -22.61
CA ALA A 157 -11.95 5.78 -22.56
C ALA A 157 -12.03 6.30 -21.11
N TYR A 158 -12.35 5.41 -20.15
CA TYR A 158 -12.35 5.81 -18.75
C TYR A 158 -10.93 6.18 -18.33
N LEU A 159 -9.90 5.37 -18.71
CA LEU A 159 -8.53 5.62 -18.26
C LEU A 159 -7.97 6.92 -18.83
N GLU A 160 -8.37 7.30 -20.05
CA GLU A 160 -7.79 8.46 -20.71
C GLU A 160 -8.54 9.76 -20.44
N GLY A 161 -9.84 9.65 -20.18
CA GLY A 161 -10.71 10.81 -20.07
C GLY A 161 -11.01 10.97 -18.59
N GLU A 162 -12.04 10.29 -18.11
CA GLU A 162 -12.53 10.46 -16.75
C GLU A 162 -11.42 10.41 -15.68
N CYS A 163 -10.61 9.35 -15.67
CA CYS A 163 -9.59 9.17 -14.66
C CYS A 163 -8.66 10.39 -14.60
N VAL A 164 -8.13 10.82 -15.75
CA VAL A 164 -7.15 11.89 -15.84
C VAL A 164 -7.78 13.19 -15.35
N GLU A 165 -9.03 13.44 -15.77
CA GLU A 165 -9.67 14.71 -15.51
C GLU A 165 -10.01 14.86 -14.02
N TRP A 166 -10.48 13.78 -13.37
CA TRP A 166 -10.79 13.75 -11.95
C TRP A 166 -9.50 13.86 -11.12
N LEU A 167 -8.45 13.18 -11.56
CA LEU A 167 -7.18 13.29 -10.88
C LEU A 167 -6.77 14.77 -10.83
N ARG A 168 -6.78 15.42 -12.01
CA ARG A 168 -6.41 16.83 -12.13
C ARG A 168 -7.23 17.66 -11.13
N ARG A 169 -8.53 17.35 -10.98
CA ARG A 169 -9.39 18.05 -10.04
C ARG A 169 -8.90 17.79 -8.59
N TYR A 170 -8.79 16.50 -8.22
CA TYR A 170 -8.36 16.04 -6.90
C TYR A 170 -7.05 16.72 -6.47
N LEU A 171 -6.06 16.76 -7.38
CA LEU A 171 -4.78 17.40 -7.09
C LEU A 171 -4.97 18.87 -6.72
N LYS A 172 -5.94 19.57 -7.32
CA LYS A 172 -6.07 20.98 -6.99
C LYS A 172 -6.84 21.18 -5.68
N ASN A 173 -7.97 20.51 -5.49
CA ASN A 173 -8.78 20.67 -4.29
C ASN A 173 -7.97 20.15 -3.11
N GLY A 174 -7.08 19.21 -3.37
CA GLY A 174 -6.27 18.63 -2.31
C GLY A 174 -4.84 19.14 -2.29
N ASN A 175 -4.51 20.22 -2.98
CA ASN A 175 -3.09 20.50 -3.22
C ASN A 175 -2.29 20.74 -1.94
N ALA A 176 -2.92 21.30 -0.90
CA ALA A 176 -2.19 21.58 0.31
C ALA A 176 -1.54 20.30 0.84
N THR A 177 -2.25 19.17 0.78
CA THR A 177 -1.73 17.90 1.25
C THR A 177 -0.91 17.19 0.18
N LEU A 178 -1.52 17.06 -1.03
CA LEU A 178 -1.04 16.25 -2.15
C LEU A 178 0.19 16.85 -2.87
N LEU A 179 0.34 18.18 -2.92
CA LEU A 179 1.51 18.77 -3.56
C LEU A 179 2.59 19.17 -2.53
N ARG A 180 2.36 18.94 -1.21
CA ARG A 180 3.40 19.28 -0.23
C ARG A 180 4.69 18.49 -0.50
N THR A 181 5.83 18.99 -0.02
CA THR A 181 7.11 18.29 -0.07
C THR A 181 7.71 18.35 1.33
N ASP A 182 7.41 17.36 2.14
CA ASP A 182 8.06 17.27 3.43
C ASP A 182 9.48 16.75 3.25
N PRO A 183 10.54 17.49 3.63
CA PRO A 183 11.91 17.01 3.37
C PRO A 183 12.30 15.91 4.33
N PRO A 184 13.19 14.98 3.92
CA PRO A 184 13.74 13.99 4.85
C PRO A 184 14.66 14.64 5.87
N LYS A 185 14.63 14.11 7.09
CA LYS A 185 15.63 14.42 8.11
C LYS A 185 16.37 13.11 8.35
N ALA A 186 17.73 13.13 8.35
CA ALA A 186 18.52 11.90 8.32
C ALA A 186 19.47 11.84 9.51
N HIS A 187 19.78 10.62 9.98
CA HIS A 187 20.82 10.35 10.96
C HIS A 187 21.47 9.00 10.69
N VAL A 188 22.62 8.75 11.33
CA VAL A 188 23.33 7.49 11.15
C VAL A 188 23.47 6.81 12.51
N THR A 189 23.11 5.53 12.57
CA THR A 189 23.41 4.76 13.76
C THR A 189 24.60 3.87 13.49
N HIS A 190 25.25 3.44 14.59
CA HIS A 190 26.48 2.66 14.65
C HIS A 190 26.28 1.42 15.53
N HIS A 191 26.41 0.18 14.97
CA HIS A 191 26.38 -1.08 15.71
C HIS A 191 27.65 -1.89 15.45
N ARG A 192 28.46 -2.12 16.50
CA ARG A 192 29.58 -3.05 16.39
C ARG A 192 29.04 -4.45 16.15
N ARG A 193 29.67 -5.17 15.20
CA ARG A 193 29.31 -6.54 14.89
C ARG A 193 30.23 -7.49 15.65
N PRO A 194 29.74 -8.72 15.95
CA PRO A 194 30.56 -9.78 16.56
C PRO A 194 31.83 -10.19 15.78
N GLU A 195 31.85 -9.87 14.47
CA GLU A 195 32.94 -10.22 13.56
C GLU A 195 34.08 -9.20 13.64
N GLY A 196 33.94 -8.17 14.48
CA GLY A 196 34.99 -7.15 14.63
C GLY A 196 34.65 -5.89 13.84
N ASP A 197 33.62 -5.98 12.98
CA ASP A 197 33.11 -4.98 12.04
C ASP A 197 32.16 -3.95 12.65
N VAL A 198 31.62 -3.03 11.82
CA VAL A 198 30.63 -2.04 12.21
C VAL A 198 29.53 -1.95 11.16
N THR A 199 28.26 -2.05 11.58
CA THR A 199 27.11 -1.67 10.76
C THR A 199 26.86 -0.17 10.94
N LEU A 200 26.83 0.53 9.81
CA LEU A 200 26.36 1.89 9.69
C LEU A 200 24.99 1.82 9.01
N ARG A 201 23.92 2.30 9.70
CA ARG A 201 22.59 2.42 9.11
C ARG A 201 22.24 3.90 9.00
N CYS A 202 21.95 4.32 7.76
CA CYS A 202 21.47 5.66 7.45
C CYS A 202 19.92 5.64 7.39
N TRP A 203 19.30 6.45 8.24
CA TRP A 203 17.84 6.54 8.32
C TRP A 203 17.38 7.84 7.67
N ALA A 204 16.30 7.80 6.86
CA ALA A 204 15.61 8.99 6.38
C ALA A 204 14.18 8.98 6.93
N LEU A 205 13.79 10.03 7.69
CA LEU A 205 12.50 10.10 8.35
C LEU A 205 11.78 11.36 7.89
N GLY A 206 10.44 11.31 7.96
CA GLY A 206 9.55 12.47 7.94
C GLY A 206 9.26 13.03 6.54
N PHE A 207 9.48 12.22 5.49
CA PHE A 207 9.50 12.80 4.14
C PHE A 207 8.20 12.47 3.43
N TYR A 208 7.87 13.29 2.43
CA TYR A 208 6.70 13.09 1.59
C TYR A 208 6.98 13.89 0.34
N PRO A 209 6.76 13.41 -0.90
CA PRO A 209 6.23 12.07 -1.17
C PRO A 209 7.23 10.95 -0.89
N ALA A 210 6.77 9.72 -1.17
CA ALA A 210 7.46 8.46 -0.95
C ALA A 210 8.79 8.35 -1.69
N ASP A 211 8.86 8.87 -2.91
CA ASP A 211 10.05 8.74 -3.71
C ASP A 211 11.23 9.35 -2.98
N ILE A 212 12.35 8.62 -2.92
CA ILE A 212 13.60 9.06 -2.35
C ILE A 212 14.73 8.18 -2.88
N THR A 213 15.94 8.73 -2.87
CA THR A 213 17.13 8.00 -3.21
C THR A 213 18.06 8.06 -2.02
N LEU A 214 18.37 6.88 -1.53
CA LEU A 214 19.19 6.86 -0.35
C LEU A 214 20.38 6.00 -0.73
N THR A 215 21.63 6.44 -0.51
CA THR A 215 22.76 5.61 -0.91
C THR A 215 23.89 5.75 0.11
N TRP A 216 24.91 4.88 0.02
CA TRP A 216 26.17 4.95 0.73
C TRP A 216 27.33 5.04 -0.27
N GLN A 217 28.32 5.86 0.07
CA GLN A 217 29.48 6.10 -0.76
C GLN A 217 30.75 5.98 0.07
N LEU A 218 31.81 5.52 -0.61
CA LEU A 218 33.19 5.53 -0.13
C LEU A 218 34.05 6.00 -1.31
N ASN A 219 34.84 7.07 -1.10
CA ASN A 219 35.64 7.74 -2.12
C ASN A 219 34.86 7.94 -3.41
N GLY A 220 33.66 8.52 -3.28
CA GLY A 220 32.94 9.12 -4.41
C GLY A 220 32.20 8.11 -5.29
N GLU A 221 32.23 6.83 -4.90
CA GLU A 221 31.55 5.76 -5.62
C GLU A 221 30.53 5.09 -4.70
N GLU A 222 29.45 4.57 -5.30
CA GLU A 222 28.32 4.03 -4.54
C GLU A 222 28.59 2.58 -4.17
N LEU A 223 27.94 2.17 -3.07
CA LEU A 223 28.09 0.84 -2.50
C LEU A 223 26.82 0.00 -2.74
N THR A 224 26.30 0.05 -3.98
CA THR A 224 25.00 -0.52 -4.35
C THR A 224 24.94 -2.04 -4.22
N GLN A 225 26.10 -2.69 -4.19
CA GLN A 225 26.22 -4.13 -4.24
C GLN A 225 26.03 -4.76 -2.84
N GLU A 226 26.67 -4.18 -1.81
CA GLU A 226 26.72 -4.74 -0.45
C GLU A 226 25.83 -3.95 0.52
N MET A 227 24.85 -3.22 -0.01
CA MET A 227 23.96 -2.37 0.78
C MET A 227 22.71 -3.15 1.17
N GLU A 228 22.40 -3.14 2.47
CA GLU A 228 21.12 -3.63 3.00
C GLU A 228 20.20 -2.42 3.12
N LEU A 229 18.92 -2.61 2.78
CA LEU A 229 17.94 -1.57 2.96
C LEU A 229 16.59 -2.17 3.33
N VAL A 230 15.61 -1.29 3.58
CA VAL A 230 14.23 -1.68 3.69
C VAL A 230 13.47 -0.89 2.63
N GLU A 231 12.35 -1.40 2.13
CA GLU A 231 11.49 -0.63 1.24
C GLU A 231 10.92 0.55 2.02
N THR A 232 10.72 1.67 1.33
CA THR A 232 10.09 2.85 1.86
C THR A 232 8.77 2.46 2.51
N ARG A 233 8.48 3.02 3.67
CA ARG A 233 7.33 2.56 4.42
C ARG A 233 6.66 3.73 5.16
N PRO A 234 5.33 3.64 5.38
CA PRO A 234 4.53 4.69 6.02
C PRO A 234 4.80 4.72 7.53
N ALA A 235 4.82 5.96 8.09
CA ALA A 235 5.27 6.17 9.45
C ALA A 235 4.15 6.60 10.39
N GLY A 236 2.91 6.51 9.91
CA GLY A 236 1.73 6.61 10.75
C GLY A 236 1.10 8.02 10.72
N ASP A 237 1.72 8.95 9.98
CA ASP A 237 1.29 10.33 10.07
C ASP A 237 1.21 10.86 8.67
N GLY A 238 1.14 9.99 7.67
CA GLY A 238 1.08 10.41 6.28
C GLY A 238 2.48 10.65 5.70
N THR A 239 3.54 10.64 6.54
CA THR A 239 4.91 10.67 5.99
C THR A 239 5.49 9.26 5.80
N PHE A 240 6.73 9.21 5.28
CA PHE A 240 7.39 7.95 4.98
C PHE A 240 8.77 7.88 5.62
N GLN A 241 9.35 6.66 5.68
CA GLN A 241 10.73 6.52 6.15
C GLN A 241 11.36 5.35 5.43
N LYS A 242 12.71 5.35 5.46
CA LYS A 242 13.52 4.31 4.86
C LYS A 242 14.90 4.28 5.54
N TRP A 243 15.59 3.14 5.54
CA TRP A 243 16.99 3.14 5.95
C TRP A 243 17.80 2.31 4.97
N ALA A 244 19.13 2.48 5.03
CA ALA A 244 20.07 1.71 4.24
C ALA A 244 21.32 1.54 5.09
N SER A 245 21.84 0.29 5.15
CA SER A 245 23.03 -0.06 5.91
C SER A 245 24.15 -0.64 5.03
N VAL A 246 25.39 -0.46 5.50
CA VAL A 246 26.61 -1.04 4.95
C VAL A 246 27.46 -1.47 6.13
N VAL A 247 28.28 -2.50 5.86
CA VAL A 247 29.26 -2.97 6.84
C VAL A 247 30.61 -2.32 6.53
N VAL A 248 31.32 -1.84 7.56
CA VAL A 248 32.55 -1.07 7.37
C VAL A 248 33.51 -1.51 8.46
N PRO A 249 34.86 -1.39 8.24
CA PRO A 249 35.86 -1.60 9.30
C PRO A 249 35.97 -0.52 10.38
N LEU A 250 36.50 -0.94 11.55
CA LEU A 250 36.46 -0.29 12.86
C LEU A 250 36.95 1.18 12.91
N GLY A 251 37.95 1.56 12.14
CA GLY A 251 38.36 2.95 12.28
C GLY A 251 37.75 3.83 11.19
N LYS A 252 37.25 3.18 10.12
CA LYS A 252 37.05 3.80 8.83
C LYS A 252 35.62 4.33 8.66
N GLU A 253 34.91 4.55 9.78
CA GLU A 253 33.51 4.99 9.69
C GLU A 253 33.44 6.27 8.87
N GLN A 254 34.35 7.20 9.20
CA GLN A 254 34.37 8.59 8.81
C GLN A 254 34.51 8.78 7.30
N LYS A 255 35.00 7.73 6.60
CA LYS A 255 35.32 7.74 5.18
C LYS A 255 34.11 7.32 4.34
N TYR A 256 33.01 6.98 5.02
CA TYR A 256 31.78 6.54 4.37
C TYR A 256 30.69 7.61 4.57
N THR A 257 29.97 7.92 3.48
CA THR A 257 29.00 8.99 3.48
C THR A 257 27.65 8.46 3.01
N CYS A 258 26.59 8.88 3.71
CA CYS A 258 25.23 8.60 3.26
C CYS A 258 24.73 9.79 2.44
N HIS A 259 24.06 9.49 1.30
CA HIS A 259 23.51 10.45 0.36
C HIS A 259 21.99 10.29 0.27
N VAL A 260 21.27 11.41 0.44
CA VAL A 260 19.82 11.45 0.36
C VAL A 260 19.45 12.54 -0.64
N GLU A 261 18.53 12.20 -1.55
CA GLU A 261 17.94 13.09 -2.53
C GLU A 261 16.42 12.96 -2.50
N HIS A 262 15.74 14.10 -2.60
CA HIS A 262 14.30 14.15 -2.45
C HIS A 262 13.87 15.52 -2.97
N GLU A 263 12.67 15.59 -3.56
CA GLU A 263 12.06 16.81 -4.05
C GLU A 263 12.07 17.96 -3.04
N GLY A 264 12.07 17.65 -1.75
CA GLY A 264 11.97 18.72 -0.78
C GLY A 264 13.33 19.23 -0.32
N LEU A 265 14.41 18.65 -0.83
CA LEU A 265 15.75 19.16 -0.55
C LEU A 265 16.23 19.97 -1.76
N PRO A 266 16.53 21.28 -1.57
CA PRO A 266 17.28 22.05 -2.56
C PRO A 266 18.56 21.31 -2.98
N GLU A 267 19.36 20.91 -1.98
CA GLU A 267 20.63 20.24 -2.18
C GLU A 267 20.56 18.87 -1.49
N PRO A 268 21.04 17.78 -2.13
CA PRO A 268 21.23 16.50 -1.43
C PRO A 268 21.87 16.68 -0.06
N LEU A 269 21.48 15.84 0.90
CA LEU A 269 22.10 15.77 2.20
C LEU A 269 23.26 14.79 2.09
N THR A 270 24.31 15.06 2.86
CA THR A 270 25.46 14.19 3.05
C THR A 270 25.68 14.09 4.54
N LEU A 271 25.70 12.87 5.11
CA LEU A 271 25.95 12.69 6.53
C LEU A 271 27.02 11.63 6.69
N ARG A 272 27.71 11.64 7.86
CA ARG A 272 28.63 10.63 8.35
C ARG A 272 28.23 10.24 9.76
N TRP A 273 28.90 9.26 10.35
CA TRP A 273 28.58 8.84 11.71
C TRP A 273 28.89 9.96 12.74
N ILE B 2 -1.13 -20.00 -2.77
CA ILE B 2 -2.43 -20.34 -2.12
C ILE B 2 -2.53 -19.48 -0.87
N GLN B 3 -1.42 -19.47 -0.09
CA GLN B 3 -1.31 -18.68 1.12
C GLN B 3 0.07 -18.04 1.25
N LYS B 4 0.06 -16.76 1.65
CA LYS B 4 1.24 -15.93 1.79
C LYS B 4 1.33 -15.46 3.23
N THR B 5 2.48 -15.75 3.83
CA THR B 5 2.80 -15.48 5.23
C THR B 5 3.09 -13.99 5.38
N PRO B 6 2.52 -13.28 6.36
CA PRO B 6 2.79 -11.84 6.49
C PRO B 6 4.25 -11.54 6.88
N GLN B 7 4.80 -10.44 6.37
CA GLN B 7 6.03 -9.83 6.80
C GLN B 7 5.65 -8.69 7.75
N ILE B 8 6.30 -8.62 8.93
CA ILE B 8 5.86 -7.67 9.94
C ILE B 8 7.05 -6.75 10.25
N GLN B 9 6.87 -5.42 10.20
CA GLN B 9 7.94 -4.49 10.55
C GLN B 9 7.42 -3.55 11.65
N VAL B 10 8.24 -3.33 12.70
CA VAL B 10 7.83 -2.46 13.80
C VAL B 10 8.81 -1.29 13.94
N TYR B 11 8.31 -0.04 13.98
CA TYR B 11 9.20 1.11 14.01
C TYR B 11 8.43 2.35 14.44
N SER B 12 9.22 3.33 14.85
CA SER B 12 8.59 4.55 15.35
C SER B 12 8.73 5.65 14.34
N ARG B 13 7.86 6.66 14.43
CA ARG B 13 7.92 7.84 13.57
C ARG B 13 9.18 8.66 13.87
N HIS B 14 9.56 8.76 15.15
CA HIS B 14 10.71 9.58 15.52
C HIS B 14 11.72 8.70 16.22
N PRO B 15 13.03 9.04 16.24
CA PRO B 15 13.99 8.29 17.05
C PRO B 15 13.43 8.39 18.46
N PRO B 16 13.39 7.30 19.25
CA PRO B 16 12.85 7.38 20.61
C PRO B 16 13.62 8.30 21.57
N GLU B 17 12.85 8.99 22.46
CA GLU B 17 13.39 9.75 23.57
C GLU B 17 12.47 9.50 24.75
N ASN B 18 13.04 9.02 25.85
CA ASN B 18 12.18 8.65 26.96
C ASN B 18 11.36 9.87 27.32
N GLY B 19 10.03 9.69 27.48
CA GLY B 19 9.20 10.76 28.00
C GLY B 19 8.80 11.80 26.94
N LYS B 20 8.98 11.44 25.65
CA LYS B 20 8.57 12.27 24.52
C LYS B 20 7.57 11.54 23.61
N PRO B 21 6.30 12.01 23.48
CA PRO B 21 5.34 11.40 22.55
C PRO B 21 5.83 11.17 21.13
N ASN B 22 5.42 10.01 20.60
CA ASN B 22 5.90 9.42 19.38
C ASN B 22 4.75 8.58 18.81
N ILE B 23 4.98 8.05 17.61
CA ILE B 23 4.05 7.08 17.01
C ILE B 23 4.76 5.75 16.82
N LEU B 24 4.11 4.64 17.23
CA LEU B 24 4.59 3.30 16.94
C LEU B 24 3.79 2.66 15.81
N ASN B 25 4.49 2.09 14.82
CA ASN B 25 3.90 1.44 13.66
C ASN B 25 4.16 -0.06 13.59
N CYS B 26 3.14 -0.81 13.15
CA CYS B 26 3.29 -2.21 12.81
C CYS B 26 2.74 -2.46 11.40
N TYR B 27 3.69 -2.61 10.47
CA TYR B 27 3.42 -2.57 9.05
C TYR B 27 3.47 -4.02 8.56
N VAL B 28 2.29 -4.54 8.19
CA VAL B 28 2.13 -5.96 7.92
C VAL B 28 1.72 -6.09 6.47
N THR B 29 2.58 -6.76 5.69
CA THR B 29 2.57 -6.81 4.23
C THR B 29 2.67 -8.26 3.74
N GLN B 30 2.42 -8.39 2.43
CA GLN B 30 2.74 -9.59 1.65
C GLN B 30 1.86 -10.76 2.08
N PHE B 31 0.64 -10.53 2.54
CA PHE B 31 -0.08 -11.71 3.04
C PHE B 31 -1.29 -12.04 2.17
N HIS B 32 -1.77 -13.26 2.30
CA HIS B 32 -2.96 -13.72 1.61
C HIS B 32 -3.38 -14.97 2.36
N PRO B 33 -4.67 -15.19 2.69
CA PRO B 33 -5.74 -14.29 2.31
C PRO B 33 -5.87 -13.04 3.16
N PRO B 34 -6.77 -12.10 2.81
CA PRO B 34 -6.83 -10.79 3.48
C PRO B 34 -7.30 -10.77 4.94
N HIS B 35 -8.04 -11.80 5.39
CA HIS B 35 -8.40 -11.84 6.79
C HIS B 35 -7.15 -11.89 7.69
N ILE B 36 -7.04 -10.96 8.67
CA ILE B 36 -5.86 -10.96 9.53
C ILE B 36 -6.23 -10.33 10.87
N GLU B 37 -5.41 -10.58 11.90
CA GLU B 37 -5.69 -10.04 13.22
C GLU B 37 -4.38 -9.50 13.77
N ILE B 38 -4.39 -8.20 14.08
CA ILE B 38 -3.19 -7.46 14.43
C ILE B 38 -3.38 -6.79 15.78
N GLN B 39 -2.50 -7.04 16.74
CA GLN B 39 -2.56 -6.37 18.05
C GLN B 39 -1.21 -5.75 18.36
N MET B 40 -1.20 -4.61 19.03
CA MET B 40 0.06 -4.02 19.44
C MET B 40 0.07 -4.04 20.95
N LEU B 41 1.24 -4.36 21.56
CA LEU B 41 1.33 -4.72 22.97
C LEU B 41 2.37 -3.83 23.64
N LYS B 42 2.09 -3.45 24.88
CA LYS B 42 2.99 -2.69 25.72
C LYS B 42 3.15 -3.52 26.99
N ASN B 43 4.38 -4.02 27.23
CA ASN B 43 4.72 -4.89 28.35
C ASN B 43 3.82 -6.09 28.36
N GLY B 44 3.57 -6.67 27.17
CA GLY B 44 2.74 -7.86 27.02
C GLY B 44 1.21 -7.66 27.20
N LYS B 45 0.71 -6.42 27.45
CA LYS B 45 -0.73 -6.12 27.54
C LYS B 45 -1.19 -5.42 26.26
N LYS B 46 -2.39 -5.74 25.76
CA LYS B 46 -2.95 -5.14 24.55
C LYS B 46 -3.09 -3.64 24.77
N ILE B 47 -2.53 -2.86 23.83
CA ILE B 47 -2.72 -1.43 23.73
C ILE B 47 -4.12 -1.17 23.21
N PRO B 48 -4.99 -0.48 23.99
CA PRO B 48 -6.39 -0.31 23.59
C PRO B 48 -6.69 0.53 22.33
N LYS B 49 -5.95 1.63 22.04
CA LYS B 49 -6.28 2.50 20.93
C LYS B 49 -5.25 2.39 19.80
N VAL B 50 -5.61 1.72 18.68
CA VAL B 50 -4.75 1.34 17.56
C VAL B 50 -5.49 1.64 16.25
N GLU B 51 -4.90 2.52 15.43
CA GLU B 51 -5.47 2.90 14.15
C GLU B 51 -5.01 1.87 13.13
N MET B 52 -5.89 1.48 12.21
CA MET B 52 -5.57 0.55 11.15
C MET B 52 -5.96 1.19 9.83
N SER B 53 -5.09 1.12 8.81
CA SER B 53 -5.47 1.47 7.45
C SER B 53 -6.57 0.50 7.02
N ASP B 54 -7.21 0.73 5.87
CA ASP B 54 -8.24 -0.15 5.35
C ASP B 54 -7.64 -1.26 4.47
N MET B 55 -8.32 -2.41 4.41
CA MET B 55 -7.88 -3.57 3.66
C MET B 55 -7.60 -3.11 2.22
N SER B 56 -6.34 -3.24 1.78
CA SER B 56 -5.92 -2.93 0.42
C SER B 56 -4.67 -3.73 0.08
N PHE B 57 -4.14 -3.63 -1.14
CA PHE B 57 -3.12 -4.58 -1.56
C PHE B 57 -2.10 -3.89 -2.46
N SER B 58 -1.03 -4.62 -2.79
CA SER B 58 0.13 -4.10 -3.48
C SER B 58 0.03 -4.48 -4.95
N LYS B 59 1.00 -3.98 -5.72
CA LYS B 59 1.22 -4.26 -7.13
C LYS B 59 1.05 -5.77 -7.41
N ASP B 60 1.74 -6.58 -6.60
CA ASP B 60 1.82 -8.01 -6.76
C ASP B 60 0.61 -8.70 -6.13
N TRP B 61 -0.45 -7.95 -5.75
CA TRP B 61 -1.72 -8.52 -5.31
C TRP B 61 -1.72 -8.94 -3.87
N SER B 62 -0.60 -8.84 -3.14
CA SER B 62 -0.55 -9.24 -1.74
C SER B 62 -1.07 -8.10 -0.85
N PHE B 63 -1.82 -8.47 0.20
CA PHE B 63 -2.46 -7.53 1.08
C PHE B 63 -1.44 -6.94 2.06
N TYR B 64 -1.79 -5.73 2.56
CA TYR B 64 -1.04 -5.04 3.58
C TYR B 64 -1.97 -4.20 4.45
N ILE B 65 -1.57 -4.03 5.71
CA ILE B 65 -2.18 -3.15 6.68
C ILE B 65 -1.07 -2.42 7.44
N LEU B 66 -1.31 -1.14 7.76
CA LEU B 66 -0.50 -0.40 8.70
C LEU B 66 -1.32 -0.13 9.96
N ALA B 67 -0.85 -0.64 11.09
CA ALA B 67 -1.37 -0.36 12.42
C ALA B 67 -0.40 0.63 13.03
N HIS B 68 -0.92 1.68 13.67
CA HIS B 68 -0.07 2.58 14.40
C HIS B 68 -0.85 3.09 15.59
N THR B 69 -0.11 3.53 16.59
CA THR B 69 -0.69 4.06 17.81
C THR B 69 0.26 5.12 18.40
N GLU B 70 -0.34 5.95 19.26
CA GLU B 70 0.42 6.95 19.99
C GLU B 70 1.12 6.23 21.10
N PHE B 71 2.36 6.61 21.41
CA PHE B 71 3.01 6.09 22.60
C PHE B 71 4.06 7.10 23.06
N THR B 72 4.35 7.04 24.34
CA THR B 72 5.46 7.77 24.90
C THR B 72 6.39 6.70 25.43
N PRO B 73 7.54 6.44 24.77
CA PRO B 73 8.46 5.41 25.26
C PRO B 73 9.14 5.81 26.57
N THR B 74 9.30 4.84 27.49
CA THR B 74 10.20 4.96 28.63
C THR B 74 11.34 3.94 28.51
N GLU B 75 12.36 4.08 29.37
CA GLU B 75 13.57 3.25 29.36
C GLU B 75 13.19 1.77 29.39
N THR B 76 12.15 1.42 30.16
CA THR B 76 11.93 0.03 30.58
C THR B 76 10.77 -0.63 29.81
N ASP B 77 10.00 0.13 29.03
CA ASP B 77 8.78 -0.39 28.45
C ASP B 77 9.14 -1.29 27.25
N THR B 78 8.51 -2.46 27.11
CA THR B 78 8.76 -3.28 25.93
C THR B 78 7.56 -3.16 25.00
N TYR B 79 7.77 -3.06 23.69
CA TYR B 79 6.66 -2.85 22.78
C TYR B 79 6.75 -3.89 21.66
N ALA B 80 5.59 -4.45 21.29
CA ALA B 80 5.52 -5.48 20.26
C ALA B 80 4.22 -5.40 19.45
N CYS B 81 4.27 -6.12 18.33
CA CYS B 81 3.14 -6.30 17.46
C CYS B 81 2.99 -7.80 17.23
N ARG B 82 1.76 -8.30 17.33
CA ARG B 82 1.45 -9.71 17.33
C ARG B 82 0.36 -9.92 16.28
N VAL B 83 0.59 -10.86 15.37
CA VAL B 83 -0.21 -10.97 14.17
C VAL B 83 -0.71 -12.42 14.06
N LYS B 84 -2.02 -12.60 13.90
CA LYS B 84 -2.63 -13.91 13.76
C LYS B 84 -3.14 -14.03 12.32
N HIS B 85 -2.67 -15.02 11.57
CA HIS B 85 -3.02 -15.18 10.16
C HIS B 85 -3.07 -16.68 9.82
N ALA B 86 -4.09 -17.08 9.04
CA ALA B 86 -4.35 -18.48 8.74
C ALA B 86 -3.15 -19.11 8.03
N SER B 87 -2.12 -18.33 7.65
CA SER B 87 -0.90 -18.87 7.03
C SER B 87 0.05 -19.52 8.03
N MET B 88 -0.13 -19.27 9.35
CA MET B 88 0.82 -19.63 10.41
C MET B 88 0.10 -20.42 11.50
N ALA B 89 0.78 -21.41 12.08
CA ALA B 89 0.16 -22.24 13.09
C ALA B 89 -0.15 -21.38 14.32
N GLU B 90 0.77 -20.46 14.67
CA GLU B 90 0.68 -19.69 15.91
C GLU B 90 0.73 -18.18 15.58
N PRO B 91 0.32 -17.25 16.48
CA PRO B 91 0.53 -15.83 16.25
C PRO B 91 2.04 -15.56 16.19
N LYS B 92 2.42 -14.47 15.53
CA LYS B 92 3.82 -14.13 15.36
C LYS B 92 3.99 -12.74 15.96
N THR B 93 5.00 -12.61 16.83
CA THR B 93 5.28 -11.45 17.67
C THR B 93 6.62 -10.88 17.22
N VAL B 94 6.66 -9.59 16.86
CA VAL B 94 7.87 -8.87 16.52
C VAL B 94 8.00 -7.69 17.50
N TYR B 95 9.15 -7.64 18.17
CA TYR B 95 9.46 -6.61 19.12
C TYR B 95 10.04 -5.39 18.45
N TRP B 96 9.60 -4.22 18.94
CA TRP B 96 10.23 -2.97 18.58
C TRP B 96 11.70 -2.98 18.99
N ASP B 97 12.60 -2.77 18.04
CA ASP B 97 14.01 -2.62 18.29
C ASP B 97 14.38 -1.13 18.30
N ARG B 98 14.56 -0.55 19.46
CA ARG B 98 14.62 0.91 19.51
C ARG B 98 15.96 1.47 19.03
N ASP B 99 17.00 0.63 19.03
CA ASP B 99 18.39 1.05 18.81
C ASP B 99 18.81 0.81 17.35
N MET B 100 17.89 0.31 16.52
CA MET B 100 18.20 0.16 15.11
C MET B 100 18.65 1.54 14.61
N THR C 1 -13.18 10.07 -9.88
CA THR C 1 -14.26 9.07 -9.66
C THR C 1 -13.78 7.72 -10.19
N GLY C 2 -14.37 6.64 -9.68
CA GLY C 2 -13.85 5.30 -9.96
C GLY C 2 -14.41 4.72 -11.24
N ALA C 3 -14.04 3.47 -11.47
CA ALA C 3 -14.40 2.71 -12.64
C ALA C 3 -15.64 1.84 -12.35
N ALA C 4 -16.43 1.61 -13.40
CA ALA C 4 -17.64 0.78 -13.36
C ALA C 4 -17.39 -0.54 -14.12
N ARG C 5 -17.80 -1.70 -13.59
CA ARG C 5 -17.72 -2.95 -14.34
C ARG C 5 -18.88 -3.01 -15.33
N PHE C 6 -18.66 -3.42 -16.59
CA PHE C 6 -19.76 -3.70 -17.51
C PHE C 6 -19.67 -5.15 -17.97
N ASP C 7 -18.49 -5.59 -18.35
CA ASP C 7 -18.42 -6.92 -18.94
C ASP C 7 -18.06 -7.96 -17.88
N GLU C 8 -18.79 -9.09 -17.94
CA GLU C 8 -18.61 -10.18 -17.00
C GLU C 8 -17.48 -11.10 -17.48
N PHE C 9 -16.89 -11.77 -16.50
CA PHE C 9 -15.97 -12.89 -16.65
C PHE C 9 -16.62 -14.01 -17.46
C1 GOL D . 15.25 4.03 15.99
O1 GOL D . 16.44 4.55 15.39
C2 GOL D . 14.04 4.05 15.06
O2 GOL D . 13.87 5.33 14.44
C3 GOL D . 12.76 3.59 15.74
O3 GOL D . 12.25 2.38 15.18
#